data_9L4Q
#
_entry.id   9L4Q
#
_cell.length_a   41.677
_cell.length_b   45.761
_cell.length_c   48.116
_cell.angle_alpha   89.65
_cell.angle_beta   89.83
_cell.angle_gamma   88.42
#
_symmetry.space_group_name_H-M   'P 1'
#
loop_
_entity.id
_entity.type
_entity.pdbx_description
1 polymer 'Methyltransferase small domain-containing protein'
2 non-polymer S-ADENOSYL-L-HOMOCYSTEINE
3 water water
#
_entity_poly.entity_id   1
_entity_poly.type   'polypeptide(L)'
_entity_poly.pdbx_seq_one_letter_code
;MTMHTVDCEGVDVRYADHLDGGGSDFGRAYVPFVASRFGKVPRLLEWCCGPAFIGFSLLGADLCERLELCDVNEEAVNVA
RATVAANGLGDRVSVFHSDCFDTVPADRKWDLIVGNPPHMNVTTAPAEHVEVFRRIKPELVYADKDWEIHRRFYDQVGDR
LTPGGSVLLQECWAASDPEVFRPMITAAGLEIAGTFPCEPPHDLFYFLWVRPAA
;
_entity_poly.pdbx_strand_id   A,B
#
loop_
_chem_comp.id
_chem_comp.type
_chem_comp.name
_chem_comp.formula
SAH non-polymer S-ADENOSYL-L-HOMOCYSTEINE 'C14 H20 N6 O5 S'
#
# COMPACT_ATOMS: atom_id res chain seq x y z
N MET A 1 -2.59 -1.24 28.00
CA MET A 1 -2.28 -1.37 29.41
C MET A 1 -0.87 -1.95 29.56
N THR A 2 -0.60 -2.98 28.76
CA THR A 2 0.70 -3.63 28.78
C THR A 2 1.69 -2.87 27.90
N MET A 3 2.88 -2.64 28.43
CA MET A 3 3.95 -1.98 27.69
C MET A 3 4.85 -3.01 27.03
N HIS A 4 5.04 -2.86 25.72
CA HIS A 4 5.98 -3.66 24.95
C HIS A 4 7.15 -2.77 24.56
N THR A 5 8.21 -3.41 24.06
CA THR A 5 9.33 -2.70 23.46
C THR A 5 9.58 -3.27 22.06
N VAL A 6 10.10 -2.41 21.20
CA VAL A 6 10.57 -2.81 19.88
C VAL A 6 11.84 -2.00 19.60
N ASP A 7 12.92 -2.69 19.28
CA ASP A 7 14.18 -2.06 18.94
C ASP A 7 14.08 -1.17 17.71
N CYS A 8 14.26 0.15 17.87
CA CYS A 8 14.31 1.07 16.75
C CYS A 8 15.73 1.65 16.67
N GLU A 9 16.55 1.01 15.85
CA GLU A 9 17.95 1.36 15.65
C GLU A 9 18.71 1.41 16.97
N GLY A 10 18.50 0.37 17.78
CA GLY A 10 19.18 0.22 19.03
C GLY A 10 18.44 0.78 20.22
N VAL A 11 17.53 1.71 19.99
CA VAL A 11 16.69 2.28 21.04
C VAL A 11 15.57 1.29 21.34
N ASP A 12 15.40 0.94 22.60
CA ASP A 12 14.30 0.06 22.99
C ASP A 12 13.07 0.94 23.22
N VAL A 13 12.22 1.02 22.20
CA VAL A 13 11.11 1.96 22.19
C VAL A 13 9.90 1.32 22.87
N ARG A 14 9.37 1.97 23.88
CA ARG A 14 8.22 1.47 24.61
C ARG A 14 6.94 1.91 23.91
N TYR A 15 5.98 0.99 23.80
CA TYR A 15 4.74 1.30 23.11
C TYR A 15 3.62 0.43 23.64
N ALA A 16 2.38 0.90 23.39
CA ALA A 16 1.19 0.07 23.52
C ALA A 16 0.47 0.03 22.17
N ASP A 17 0.05 -1.17 21.76
CA ASP A 17 -0.62 -1.40 20.47
C ASP A 17 -1.55 -0.27 20.01
N HIS A 18 -2.41 0.21 20.91
CA HIS A 18 -3.40 1.22 20.51
C HIS A 18 -2.76 2.59 20.26
N LEU A 19 -1.46 2.75 20.56
CA LEU A 19 -0.68 3.93 20.20
C LEU A 19 0.20 3.69 18.98
N ASP A 20 0.18 2.48 18.44
CA ASP A 20 1.04 2.11 17.32
C ASP A 20 0.40 2.56 16.01
N GLY A 21 1.09 3.44 15.28
CA GLY A 21 0.65 3.87 13.98
C GLY A 21 1.46 3.35 12.81
N GLY A 22 2.36 2.39 13.01
CA GLY A 22 3.12 1.84 11.93
C GLY A 22 4.53 2.35 11.82
N GLY A 23 4.96 3.22 12.74
CA GLY A 23 6.27 3.82 12.70
C GLY A 23 7.41 2.85 12.92
N SER A 24 7.16 1.72 13.58
CA SER A 24 8.22 0.72 13.70
C SER A 24 8.29 -0.18 12.48
N ASP A 25 7.35 -0.06 11.53
CA ASP A 25 7.40 -0.83 10.31
C ASP A 25 7.76 0.10 9.15
N PHE A 26 6.78 0.67 8.43
CA PHE A 26 7.09 1.48 7.26
C PHE A 26 7.80 2.78 7.62
N GLY A 27 7.81 3.15 8.89
CA GLY A 27 8.63 4.28 9.31
C GLY A 27 10.11 3.98 9.28
N ARG A 28 10.47 2.70 9.14
CA ARG A 28 11.86 2.31 8.97
C ARG A 28 12.44 2.88 7.69
N ALA A 29 11.60 3.20 6.70
CA ALA A 29 12.04 3.88 5.49
C ALA A 29 12.80 5.17 5.79
N TYR A 30 12.55 5.81 6.94
CA TYR A 30 13.12 7.13 7.21
C TYR A 30 14.65 7.13 7.28
N VAL A 31 15.25 6.18 8.01
CA VAL A 31 16.69 6.19 8.25
C VAL A 31 17.49 6.18 6.95
N PRO A 32 17.32 5.19 6.05
CA PRO A 32 18.10 5.24 4.80
C PRO A 32 17.86 6.50 3.99
N PHE A 33 16.60 6.94 3.88
CA PHE A 33 16.28 8.10 3.06
C PHE A 33 16.90 9.38 3.62
N VAL A 34 16.74 9.60 4.93
CA VAL A 34 17.30 10.80 5.54
C VAL A 34 18.81 10.79 5.45
N ALA A 35 19.42 9.60 5.55
CA ALA A 35 20.87 9.47 5.55
C ALA A 35 21.47 9.71 4.17
N SER A 36 20.72 9.43 3.11
CA SER A 36 21.16 9.70 1.75
C SER A 36 20.91 11.14 1.32
N ARG A 37 19.79 11.73 1.74
CA ARG A 37 19.39 13.02 1.18
C ARG A 37 19.72 14.21 2.07
N PHE A 38 19.90 14.01 3.38
CA PHE A 38 20.14 15.11 4.31
C PHE A 38 21.41 14.92 5.13
N GLY A 39 21.80 13.67 5.33
CA GLY A 39 22.82 13.44 6.31
C GLY A 39 22.31 13.79 7.70
N LYS A 40 23.25 13.96 8.61
CA LYS A 40 22.93 14.25 10.00
C LYS A 40 22.51 15.71 10.15
N VAL A 41 21.39 15.93 10.83
CA VAL A 41 20.96 17.31 11.03
C VAL A 41 21.06 17.64 12.51
N PRO A 42 21.31 18.91 12.86
CA PRO A 42 21.47 19.24 14.28
C PRO A 42 20.22 19.03 15.10
N ARG A 43 19.06 19.51 14.62
CA ARG A 43 17.85 19.53 15.42
C ARG A 43 16.70 18.94 14.60
N LEU A 44 16.28 17.74 14.95
CA LEU A 44 15.18 17.06 14.30
C LEU A 44 13.96 17.01 15.22
N LEU A 45 12.79 17.15 14.64
CA LEU A 45 11.53 17.03 15.39
C LEU A 45 10.62 16.01 14.72
N GLU A 46 10.00 15.15 15.51
CA GLU A 46 8.99 14.23 14.99
C GLU A 46 7.63 14.69 15.45
N TRP A 47 6.87 15.26 14.53
CA TRP A 47 5.51 15.63 14.83
C TRP A 47 4.62 14.37 14.81
N CYS A 48 3.51 14.43 15.56
CA CYS A 48 2.55 13.33 15.69
C CYS A 48 3.27 12.06 16.13
N CYS A 49 4.17 12.24 17.10
CA CYS A 49 5.25 11.28 17.32
C CYS A 49 4.72 9.95 17.84
N GLY A 50 3.70 9.96 18.70
CA GLY A 50 3.25 8.76 19.37
C GLY A 50 4.40 8.21 20.20
N PRO A 51 4.64 6.89 20.13
CA PRO A 51 5.87 6.32 20.73
C PRO A 51 7.18 6.72 20.03
N ALA A 52 7.15 7.42 18.89
CA ALA A 52 8.37 7.97 18.25
C ALA A 52 9.32 6.88 17.75
N PHE A 53 8.76 5.79 17.20
CA PHE A 53 9.56 4.79 16.49
C PHE A 53 10.47 5.45 15.44
N ILE A 54 9.95 6.46 14.75
CA ILE A 54 10.70 7.12 13.68
C ILE A 54 11.81 7.98 14.26
N GLY A 55 11.45 8.91 15.14
CA GLY A 55 12.42 9.73 15.84
C GLY A 55 13.54 8.98 16.52
N PHE A 56 13.21 8.09 17.46
CA PHE A 56 14.24 7.28 18.10
C PHE A 56 15.13 6.55 17.09
N SER A 57 14.59 6.15 15.94
CA SER A 57 15.41 5.42 14.98
C SER A 57 16.40 6.35 14.27
N LEU A 58 15.95 7.56 13.95
CA LEU A 58 16.84 8.59 13.42
C LEU A 58 17.91 8.94 14.44
N LEU A 59 17.53 9.13 15.70
CA LEU A 59 18.54 9.32 16.74
C LEU A 59 19.46 8.10 16.83
N GLY A 60 18.88 6.91 16.97
CA GLY A 60 19.67 5.70 17.13
C GLY A 60 20.65 5.44 16.01
N ALA A 61 20.38 5.95 14.82
CA ALA A 61 21.29 5.85 13.69
C ALA A 61 22.16 7.10 13.52
N ASP A 62 22.18 7.97 14.53
CA ASP A 62 23.04 9.17 14.53
C ASP A 62 22.73 10.08 13.33
N LEU A 63 21.46 10.23 13.03
CA LEU A 63 21.02 11.18 12.00
C LEU A 63 20.51 12.49 12.60
N CYS A 64 20.68 12.70 13.89
CA CYS A 64 20.37 13.99 14.48
C CYS A 64 21.17 14.17 15.76
N GLU A 65 21.60 15.41 16.02
CA GLU A 65 22.27 15.69 17.29
C GLU A 65 21.26 15.73 18.42
N ARG A 66 20.21 16.54 18.28
CA ARG A 66 19.14 16.54 19.25
C ARG A 66 17.86 16.08 18.56
N LEU A 67 17.06 15.34 19.30
CA LEU A 67 15.78 14.85 18.84
C LEU A 67 14.70 15.40 19.75
N GLU A 68 13.70 16.03 19.17
CA GLU A 68 12.54 16.47 19.93
C GLU A 68 11.28 15.84 19.36
N LEU A 69 10.30 15.65 20.22
CA LEU A 69 9.12 14.83 19.96
C LEU A 69 7.88 15.57 20.42
N CYS A 70 6.82 15.56 19.61
CA CYS A 70 5.60 16.16 20.11
C CYS A 70 4.38 15.43 19.58
N ASP A 71 3.37 15.32 20.44
CA ASP A 71 2.10 14.66 20.13
C ASP A 71 1.01 15.30 21.00
N VAL A 72 -0.24 15.17 20.54
CA VAL A 72 -1.39 15.77 21.22
C VAL A 72 -1.94 14.84 22.30
N ASN A 73 -1.67 13.55 22.20
CA ASN A 73 -2.12 12.56 23.16
C ASN A 73 -1.13 12.50 24.33
N GLU A 74 -1.63 12.78 25.53
CA GLU A 74 -0.73 12.79 26.69
C GLU A 74 -0.18 11.39 27.00
N GLU A 75 -0.98 10.34 26.80
CA GLU A 75 -0.44 8.98 26.96
C GLU A 75 0.72 8.73 25.99
N ALA A 76 0.63 9.27 24.78
CA ALA A 76 1.77 9.11 23.88
C ALA A 76 2.98 9.84 24.40
N VAL A 77 2.79 11.06 24.93
CA VAL A 77 3.91 11.86 25.40
C VAL A 77 4.64 11.13 26.53
N ASN A 78 3.89 10.43 27.36
CA ASN A 78 4.42 9.79 28.55
C ASN A 78 5.16 8.51 28.22
N VAL A 79 4.58 7.69 27.35
CA VAL A 79 5.27 6.51 26.85
C VAL A 79 6.55 6.91 26.15
N ALA A 80 6.56 8.08 25.50
CA ALA A 80 7.77 8.53 24.82
C ALA A 80 8.82 8.93 25.83
N ARG A 81 8.40 9.57 26.93
CA ARG A 81 9.36 9.95 27.96
C ARG A 81 9.94 8.73 28.64
N ALA A 82 9.09 7.79 29.06
CA ALA A 82 9.55 6.49 29.53
C ALA A 82 10.71 5.95 28.66
N THR A 83 10.57 6.02 27.34
CA THR A 83 11.61 5.48 26.46
C THR A 83 12.91 6.27 26.59
N VAL A 84 12.82 7.61 26.58
CA VAL A 84 13.96 8.49 26.90
C VAL A 84 14.67 8.01 28.17
N ALA A 85 13.93 7.85 29.26
CA ALA A 85 14.57 7.49 30.52
C ALA A 85 15.19 6.10 30.44
N ALA A 86 14.43 5.10 29.96
CA ALA A 86 14.94 3.73 29.90
C ALA A 86 16.11 3.57 28.92
N ASN A 87 16.35 4.51 28.03
CA ASN A 87 17.52 4.41 27.17
C ASN A 87 18.61 5.41 27.54
N GLY A 88 18.41 6.19 28.61
CA GLY A 88 19.39 7.17 29.02
C GLY A 88 19.64 8.22 27.97
N LEU A 89 18.57 8.67 27.31
CA LEU A 89 18.67 9.67 26.26
C LEU A 89 18.25 11.06 26.74
N GLY A 90 18.24 11.28 28.06
CA GLY A 90 17.66 12.50 28.61
C GLY A 90 18.30 13.78 28.14
N ASP A 91 19.62 13.74 27.93
CA ASP A 91 20.35 14.95 27.55
C ASP A 91 20.08 15.36 26.11
N ARG A 92 19.55 14.44 25.29
CA ARG A 92 19.43 14.68 23.86
C ARG A 92 17.99 14.67 23.34
N VAL A 93 16.98 14.58 24.21
CA VAL A 93 15.60 14.43 23.75
C VAL A 93 14.68 15.28 24.60
N SER A 94 13.70 15.92 23.95
CA SER A 94 12.61 16.60 24.65
C SER A 94 11.27 16.21 24.03
N VAL A 95 10.31 15.92 24.91
CA VAL A 95 8.95 15.57 24.53
C VAL A 95 8.03 16.72 24.92
N PHE A 96 7.12 17.08 24.01
CA PHE A 96 6.18 18.17 24.23
C PHE A 96 4.77 17.65 24.01
N HIS A 97 3.87 17.96 24.95
CA HIS A 97 2.46 17.72 24.78
C HIS A 97 1.86 18.95 24.11
N SER A 98 1.39 18.80 22.88
CA SER A 98 0.89 19.95 22.17
C SER A 98 0.01 19.48 21.01
N ASP A 99 -1.01 20.28 20.73
CA ASP A 99 -1.76 20.18 19.48
C ASP A 99 -0.99 20.95 18.43
N CYS A 100 -0.50 20.24 17.42
CA CYS A 100 0.46 20.78 16.48
C CYS A 100 1.49 21.64 17.23
N PHE A 101 1.58 22.94 16.97
CA PHE A 101 2.59 23.75 17.64
C PHE A 101 2.03 24.72 18.69
N ASP A 102 0.76 24.54 19.09
CA ASP A 102 0.07 25.52 19.92
C ASP A 102 0.76 25.75 21.26
N THR A 103 1.29 24.68 21.86
CA THR A 103 1.91 24.71 23.17
C THR A 103 3.28 24.08 23.12
N VAL A 104 4.02 24.36 22.05
CA VAL A 104 5.41 23.96 21.92
C VAL A 104 6.19 25.24 22.24
N PRO A 105 7.29 25.15 23.04
CA PRO A 105 8.07 26.35 23.36
C PRO A 105 8.27 27.25 22.16
N ALA A 106 7.95 28.53 22.31
CA ALA A 106 7.82 29.43 21.17
C ALA A 106 9.13 29.63 20.44
N ASP A 107 10.25 29.51 21.16
CA ASP A 107 11.55 29.69 20.53
C ASP A 107 11.90 28.53 19.62
N ARG A 108 11.49 27.31 19.99
CA ARG A 108 11.92 26.09 19.30
C ARG A 108 11.73 26.15 17.80
N LYS A 109 12.84 25.98 17.08
CA LYS A 109 12.85 25.79 15.64
C LYS A 109 13.70 24.57 15.33
N TRP A 110 13.47 23.96 14.15
CA TRP A 110 14.16 22.73 13.76
C TRP A 110 14.71 22.83 12.34
N ASP A 111 15.75 22.04 12.08
CA ASP A 111 16.33 21.92 10.75
C ASP A 111 15.58 20.88 9.90
N LEU A 112 15.05 19.84 10.53
CA LEU A 112 14.24 18.84 9.84
C LEU A 112 13.09 18.43 10.76
N ILE A 113 11.87 18.47 10.21
CA ILE A 113 10.64 18.05 10.88
C ILE A 113 10.07 16.89 10.10
N VAL A 114 10.00 15.72 10.74
CA VAL A 114 9.47 14.51 10.13
C VAL A 114 8.14 14.20 10.79
N GLY A 115 7.48 13.12 10.36
CA GLY A 115 6.17 12.83 10.91
C GLY A 115 5.31 11.87 10.14
N ASN A 116 4.64 10.96 10.85
CA ASN A 116 3.69 9.96 10.38
C ASN A 116 2.29 10.35 10.86
N PRO A 117 1.65 11.34 10.24
CA PRO A 117 0.43 11.91 10.82
C PRO A 117 -0.78 11.02 10.59
N PRO A 118 -1.92 11.33 11.20
CA PRO A 118 -3.16 10.67 10.80
C PRO A 118 -3.33 10.79 9.29
N HIS A 119 -3.56 9.67 8.64
CA HIS A 119 -3.28 9.60 7.21
C HIS A 119 -4.49 9.88 6.33
N MET A 120 -5.70 9.81 6.88
CA MET A 120 -6.90 9.63 6.10
C MET A 120 -7.89 10.73 6.44
N ASN A 121 -8.41 11.41 5.42
CA ASN A 121 -9.54 12.31 5.61
C ASN A 121 -10.80 11.47 5.60
N VAL A 122 -11.30 11.16 6.80
CA VAL A 122 -12.37 10.17 6.92
C VAL A 122 -13.64 10.66 6.25
N THR A 123 -13.82 11.98 6.12
CA THR A 123 -14.96 12.51 5.38
C THR A 123 -15.03 11.94 3.98
N THR A 124 -13.92 11.96 3.24
CA THR A 124 -13.96 11.60 1.82
C THR A 124 -13.35 10.24 1.51
N ALA A 125 -12.79 9.55 2.51
CA ALA A 125 -12.16 8.26 2.27
C ALA A 125 -13.20 7.23 1.84
N PRO A 126 -12.79 6.23 1.06
CA PRO A 126 -13.73 5.16 0.70
C PRO A 126 -14.27 4.47 1.94
N ALA A 127 -15.53 4.04 1.84
CA ALA A 127 -16.18 3.36 2.97
C ALA A 127 -15.35 2.20 3.45
N GLU A 128 -14.85 1.39 2.51
CA GLU A 128 -14.06 0.21 2.82
C GLU A 128 -12.82 0.58 3.63
N HIS A 129 -12.25 1.76 3.39
CA HIS A 129 -11.11 2.23 4.17
C HIS A 129 -11.51 2.55 5.61
N VAL A 130 -12.41 3.51 5.78
CA VAL A 130 -12.76 3.98 7.13
C VAL A 130 -13.20 2.82 8.01
N GLU A 131 -13.98 1.88 7.45
CA GLU A 131 -14.43 0.76 8.26
C GLU A 131 -13.26 -0.14 8.66
N VAL A 132 -12.21 -0.25 7.84
CA VAL A 132 -11.11 -1.09 8.28
C VAL A 132 -10.43 -0.53 9.53
N PHE A 133 -10.38 0.81 9.68
CA PHE A 133 -9.70 1.41 10.83
C PHE A 133 -10.63 1.73 12.01
N ARG A 134 -11.91 2.01 11.75
CA ARG A 134 -12.85 2.25 12.83
C ARG A 134 -12.96 1.06 13.78
N ARG A 135 -12.63 -0.15 13.33
CA ARG A 135 -12.77 -1.32 14.18
C ARG A 135 -11.43 -1.84 14.68
N ILE A 136 -10.33 -1.12 14.47
CA ILE A 136 -9.02 -1.68 14.72
C ILE A 136 -8.15 -0.71 15.49
N LYS A 137 -8.41 0.58 15.33
CA LYS A 137 -7.49 1.60 15.81
C LYS A 137 -8.27 2.77 16.40
N PRO A 138 -7.77 3.36 17.48
CA PRO A 138 -8.35 4.62 17.99
C PRO A 138 -8.37 5.71 16.93
N GLU A 139 -9.45 6.50 16.95
CA GLU A 139 -9.62 7.49 15.88
C GLU A 139 -8.46 8.49 15.83
N LEU A 140 -7.81 8.74 16.96
CA LEU A 140 -6.70 9.67 16.99
C LEU A 140 -5.50 9.19 16.17
N VAL A 141 -5.41 7.89 15.92
CA VAL A 141 -4.26 7.32 15.23
C VAL A 141 -4.33 7.54 13.72
N TYR A 142 -5.52 7.63 13.13
CA TYR A 142 -5.62 7.54 11.70
C TYR A 142 -6.44 8.65 11.04
N ALA A 143 -7.17 9.46 11.79
CA ALA A 143 -8.26 10.25 11.22
C ALA A 143 -7.88 11.74 11.19
N ASP A 144 -7.84 12.31 9.99
CA ASP A 144 -7.68 13.75 9.83
C ASP A 144 -8.88 14.26 9.02
N LYS A 145 -10.00 14.43 9.69
CA LYS A 145 -11.22 14.83 9.01
C LYS A 145 -11.02 16.19 8.35
N ASP A 146 -11.37 16.27 7.07
CA ASP A 146 -11.18 17.45 6.23
C ASP A 146 -9.73 17.94 6.20
N TRP A 147 -8.77 17.08 6.57
CA TRP A 147 -7.34 17.42 6.57
C TRP A 147 -7.02 18.58 7.51
N GLU A 148 -7.78 18.73 8.58
CA GLU A 148 -7.67 19.95 9.38
C GLU A 148 -6.41 19.94 10.24
N ILE A 149 -5.96 18.76 10.67
CA ILE A 149 -4.69 18.66 11.40
C ILE A 149 -3.55 19.08 10.48
N HIS A 150 -3.50 18.49 9.28
CA HIS A 150 -2.56 18.89 8.24
C HIS A 150 -2.59 20.40 7.98
N ARG A 151 -3.78 21.00 7.90
CA ARG A 151 -3.87 22.43 7.57
C ARG A 151 -3.32 23.30 8.69
N ARG A 152 -3.68 23.02 9.94
CA ARG A 152 -3.06 23.76 11.03
C ARG A 152 -1.55 23.57 11.01
N PHE A 153 -1.09 22.34 10.74
CA PHE A 153 0.33 22.06 10.81
C PHE A 153 1.11 22.87 9.77
N TYR A 154 0.67 22.81 8.50
CA TYR A 154 1.34 23.53 7.44
C TYR A 154 1.26 25.04 7.67
N ASP A 155 0.14 25.52 8.22
CA ASP A 155 0.06 26.95 8.48
C ASP A 155 1.01 27.39 9.58
N GLN A 156 1.40 26.48 10.49
CA GLN A 156 2.26 26.84 11.60
C GLN A 156 3.74 26.56 11.34
N VAL A 157 4.02 25.65 10.42
CA VAL A 157 5.36 25.08 10.37
C VAL A 157 6.38 26.05 9.81
N GLY A 158 5.92 27.09 9.10
CA GLY A 158 6.85 28.03 8.48
C GLY A 158 7.77 28.67 9.49
N ASP A 159 7.21 29.13 10.60
CA ASP A 159 8.03 29.83 11.59
C ASP A 159 8.75 28.89 12.54
N ARG A 160 8.59 27.56 12.36
CA ARG A 160 9.23 26.59 13.23
C ARG A 160 10.46 25.97 12.59
N LEU A 161 10.83 26.42 11.39
CA LEU A 161 11.96 25.89 10.66
C LEU A 161 13.15 26.82 10.79
N THR A 162 14.31 26.26 11.15
CA THR A 162 15.56 27.00 11.10
C THR A 162 15.84 27.48 9.69
N PRO A 163 16.77 28.39 9.48
CA PRO A 163 17.16 28.75 8.11
C PRO A 163 17.63 27.52 7.33
N GLY A 164 16.96 27.24 6.22
CA GLY A 164 17.29 26.06 5.44
C GLY A 164 16.67 24.79 5.95
N GLY A 165 15.80 24.85 6.95
CA GLY A 165 15.08 23.68 7.41
C GLY A 165 13.98 23.28 6.46
N SER A 166 13.60 21.98 6.54
CA SER A 166 12.60 21.37 5.67
C SER A 166 11.63 20.55 6.51
N VAL A 167 10.50 20.18 5.89
CA VAL A 167 9.56 19.19 6.42
C VAL A 167 9.65 17.95 5.52
N LEU A 168 9.44 16.77 6.12
CA LEU A 168 9.49 15.50 5.41
C LEU A 168 8.45 14.58 6.07
N LEU A 169 7.23 14.63 5.55
CA LEU A 169 6.16 13.78 6.04
C LEU A 169 6.09 12.48 5.25
N GLN A 170 5.66 11.43 5.93
CA GLN A 170 5.43 10.12 5.34
C GLN A 170 3.91 9.95 5.25
N GLU A 171 3.38 9.90 4.01
CA GLU A 171 1.95 9.83 3.76
C GLU A 171 1.58 8.49 3.12
N CYS A 172 0.29 8.28 2.87
CA CYS A 172 -0.24 7.02 2.37
C CYS A 172 -0.89 7.26 1.02
N TRP A 173 -0.36 6.61 -0.04
CA TRP A 173 -0.98 6.68 -1.36
C TRP A 173 -2.49 6.38 -1.29
N ALA A 174 -2.89 5.43 -0.44
CA ALA A 174 -4.30 5.08 -0.35
C ALA A 174 -5.18 6.24 0.07
N ALA A 175 -4.67 7.14 0.90
CA ALA A 175 -5.53 8.17 1.45
C ALA A 175 -5.25 9.57 0.89
N SER A 176 -4.12 9.79 0.23
CA SER A 176 -3.79 11.10 -0.27
C SER A 176 -2.83 10.95 -1.44
N ASP A 177 -2.49 12.08 -2.06
CA ASP A 177 -1.31 12.22 -2.89
C ASP A 177 -0.85 13.66 -2.79
N PRO A 178 0.30 14.02 -3.38
CA PRO A 178 0.78 15.41 -3.26
C PRO A 178 -0.25 16.46 -3.64
N GLU A 179 -1.04 16.25 -4.69
CA GLU A 179 -1.94 17.30 -5.13
C GLU A 179 -2.96 17.66 -4.05
N VAL A 180 -3.38 16.67 -3.24
CA VAL A 180 -4.32 16.93 -2.15
C VAL A 180 -3.83 18.03 -1.23
N PHE A 181 -2.51 18.11 -0.99
CA PHE A 181 -1.95 19.05 -0.04
C PHE A 181 -1.40 20.32 -0.67
N ARG A 182 -1.26 20.35 -1.99
CA ARG A 182 -0.62 21.48 -2.65
C ARG A 182 -1.29 22.80 -2.32
N PRO A 183 -2.62 22.95 -2.35
CA PRO A 183 -3.18 24.28 -2.05
C PRO A 183 -2.83 24.76 -0.66
N MET A 184 -2.85 23.87 0.34
CA MET A 184 -2.58 24.32 1.70
C MET A 184 -1.09 24.57 1.90
N ILE A 185 -0.25 23.88 1.12
CA ILE A 185 1.18 24.18 1.15
C ILE A 185 1.44 25.55 0.53
N THR A 186 0.85 25.80 -0.64
CA THR A 186 1.09 27.09 -1.27
C THR A 186 0.57 28.23 -0.41
N ALA A 187 -0.67 28.11 0.08
CA ALA A 187 -1.26 29.10 0.97
C ALA A 187 -0.34 29.45 2.12
N ALA A 188 0.28 28.44 2.74
CA ALA A 188 1.10 28.67 3.92
C ALA A 188 2.46 29.28 3.61
N GLY A 189 2.78 29.52 2.35
CA GLY A 189 4.08 30.08 2.01
C GLY A 189 5.17 29.04 1.87
N LEU A 190 4.80 27.80 1.62
CA LEU A 190 5.73 26.70 1.43
C LEU A 190 5.61 26.23 -0.02
N GLU A 191 6.43 25.22 -0.36
CA GLU A 191 6.37 24.60 -1.67
C GLU A 191 6.76 23.12 -1.54
N ILE A 192 6.28 22.31 -2.48
CA ILE A 192 6.71 20.92 -2.54
C ILE A 192 8.04 20.88 -3.29
N ALA A 193 9.10 20.58 -2.54
CA ALA A 193 10.44 20.43 -3.09
C ALA A 193 10.67 19.05 -3.71
N GLY A 194 9.93 18.03 -3.29
CA GLY A 194 10.07 16.69 -3.83
C GLY A 194 9.02 15.71 -3.34
N THR A 195 8.67 14.73 -4.18
CA THR A 195 7.84 13.60 -3.80
C THR A 195 8.62 12.32 -4.05
N PHE A 196 8.81 11.52 -3.02
CA PHE A 196 9.61 10.30 -3.14
C PHE A 196 8.76 9.12 -2.71
N PRO A 197 8.26 8.32 -3.65
CA PRO A 197 7.57 7.10 -3.26
C PRO A 197 8.51 6.20 -2.46
N CYS A 198 8.02 5.63 -1.38
CA CYS A 198 8.84 4.73 -0.59
C CYS A 198 9.05 3.44 -1.36
N GLU A 199 10.16 2.79 -1.09
CA GLU A 199 10.51 1.61 -1.87
C GLU A 199 9.88 0.37 -1.25
N PRO A 200 9.78 -0.73 -2.00
CA PRO A 200 9.33 -1.99 -1.39
C PRO A 200 10.18 -2.32 -0.17
N PRO A 201 9.56 -2.82 0.92
CA PRO A 201 8.18 -3.27 1.06
C PRO A 201 7.23 -2.24 1.66
N HIS A 202 7.52 -0.94 1.54
CA HIS A 202 6.66 0.08 2.11
C HIS A 202 6.14 1.01 1.01
N ASP A 203 5.89 0.47 -0.18
CA ASP A 203 5.52 1.38 -1.26
C ASP A 203 4.05 1.80 -1.21
N LEU A 204 3.29 1.37 -0.20
CA LEU A 204 2.01 2.01 0.08
C LEU A 204 2.18 3.46 0.50
N PHE A 205 3.40 3.87 0.86
CA PHE A 205 3.70 5.14 1.49
C PHE A 205 4.63 5.98 0.63
N TYR A 206 4.57 7.29 0.81
CA TYR A 206 5.47 8.18 0.08
C TYR A 206 5.92 9.31 0.99
N PHE A 207 7.11 9.83 0.74
CA PHE A 207 7.61 10.96 1.49
C PHE A 207 7.27 12.25 0.76
N LEU A 208 7.00 13.29 1.52
CA LEU A 208 6.70 14.61 0.97
C LEU A 208 7.72 15.58 1.55
N TRP A 209 8.55 16.15 0.68
CA TRP A 209 9.58 17.09 1.09
C TRP A 209 9.04 18.50 0.83
N VAL A 210 8.81 19.24 1.90
CA VAL A 210 8.21 20.57 1.86
C VAL A 210 9.20 21.52 2.53
N ARG A 211 9.14 22.79 2.16
CA ARG A 211 10.12 23.78 2.59
C ARG A 211 9.58 25.17 2.23
N PRO A 212 10.03 26.23 2.93
CA PRO A 212 9.49 27.57 2.65
C PRO A 212 9.72 27.94 1.18
N ALA A 213 8.70 28.56 0.60
CA ALA A 213 8.77 28.93 -0.81
C ALA A 213 9.70 30.12 -1.00
N ALA A 214 10.12 30.33 -2.26
CA ALA A 214 11.06 31.41 -2.58
C ALA A 214 10.39 32.77 -2.54
N THR B 2 16.71 -14.60 -18.52
CA THR B 2 16.97 -15.76 -17.67
C THR B 2 15.69 -16.24 -16.99
N MET B 3 15.56 -17.55 -16.80
CA MET B 3 14.34 -18.16 -16.28
C MET B 3 14.58 -18.74 -14.89
N HIS B 4 13.64 -18.50 -13.97
CA HIS B 4 13.69 -19.02 -12.61
C HIS B 4 12.40 -19.75 -12.29
N THR B 5 12.42 -20.49 -11.19
CA THR B 5 11.21 -21.08 -10.65
C THR B 5 11.02 -20.62 -9.21
N VAL B 6 9.80 -20.84 -8.73
CA VAL B 6 9.38 -20.54 -7.37
C VAL B 6 8.24 -21.49 -7.03
N ASP B 7 8.30 -22.12 -5.85
CA ASP B 7 7.28 -23.08 -5.47
C ASP B 7 5.98 -22.37 -5.12
N CYS B 8 4.93 -22.68 -5.86
CA CYS B 8 3.59 -22.13 -5.60
C CYS B 8 2.70 -23.32 -5.24
N GLU B 9 2.54 -23.53 -3.95
CA GLU B 9 1.74 -24.62 -3.38
C GLU B 9 2.07 -25.97 -4.03
N GLY B 10 3.37 -26.25 -4.17
CA GLY B 10 3.83 -27.50 -4.73
C GLY B 10 4.03 -27.52 -6.23
N VAL B 11 3.63 -26.48 -6.95
CA VAL B 11 3.93 -26.35 -8.37
C VAL B 11 5.22 -25.56 -8.51
N ASP B 12 6.17 -26.09 -9.28
CA ASP B 12 7.42 -25.37 -9.52
C ASP B 12 7.19 -24.40 -10.67
N VAL B 13 6.89 -23.14 -10.36
CA VAL B 13 6.38 -22.19 -11.35
C VAL B 13 7.53 -21.39 -11.99
N ARG B 14 7.60 -21.45 -13.32
CA ARG B 14 8.62 -20.72 -14.08
C ARG B 14 8.24 -19.24 -14.24
N TYR B 15 9.25 -18.38 -14.23
CA TYR B 15 9.02 -16.95 -14.47
C TYR B 15 10.32 -16.28 -14.91
N ALA B 16 10.16 -15.06 -15.46
CA ALA B 16 11.23 -14.10 -15.66
C ALA B 16 10.89 -12.83 -14.91
N ASP B 17 11.90 -12.08 -14.48
CA ASP B 17 11.65 -10.97 -13.58
C ASP B 17 10.82 -9.88 -14.22
N HIS B 18 11.04 -9.61 -15.51
CA HIS B 18 10.23 -8.61 -16.19
C HIS B 18 8.77 -9.03 -16.32
N LEU B 19 8.44 -10.27 -15.99
CA LEU B 19 7.10 -10.81 -16.09
C LEU B 19 6.38 -10.91 -14.75
N ASP B 20 7.08 -10.64 -13.64
CA ASP B 20 6.55 -10.84 -12.29
C ASP B 20 5.73 -9.63 -11.88
N GLY B 21 4.44 -9.83 -11.63
CA GLY B 21 3.63 -8.78 -11.07
C GLY B 21 3.26 -9.05 -9.63
N GLY B 22 4.08 -9.84 -8.94
CA GLY B 22 3.94 -10.07 -7.52
C GLY B 22 3.01 -11.18 -7.12
N GLY B 23 2.54 -11.99 -8.09
CA GLY B 23 1.58 -13.04 -7.80
C GLY B 23 2.07 -14.11 -6.85
N SER B 24 3.38 -14.30 -6.76
CA SER B 24 3.91 -15.27 -5.82
C SER B 24 4.11 -14.71 -4.43
N ASP B 25 4.10 -13.38 -4.27
CA ASP B 25 4.15 -12.76 -2.96
C ASP B 25 2.73 -12.56 -2.40
N PHE B 26 2.09 -11.42 -2.70
CA PHE B 26 0.79 -11.13 -2.10
C PHE B 26 -0.35 -11.96 -2.69
N GLY B 27 -0.18 -12.52 -3.87
CA GLY B 27 -1.15 -13.50 -4.36
C GLY B 27 -1.21 -14.79 -3.55
N ARG B 28 -0.33 -14.95 -2.55
CA ARG B 28 -0.47 -16.08 -1.65
C ARG B 28 -1.71 -15.95 -0.77
N ALA B 29 -2.40 -14.81 -0.82
CA ALA B 29 -3.63 -14.62 -0.05
C ALA B 29 -4.82 -15.37 -0.64
N TYR B 30 -4.75 -15.77 -1.92
CA TYR B 30 -5.88 -16.43 -2.58
C TYR B 30 -6.22 -17.79 -1.97
N VAL B 31 -5.22 -18.60 -1.62
CA VAL B 31 -5.52 -19.97 -1.17
C VAL B 31 -6.31 -19.98 0.12
N PRO B 32 -5.89 -19.33 1.22
CA PRO B 32 -6.75 -19.37 2.44
C PRO B 32 -8.12 -18.78 2.19
N PHE B 33 -8.19 -17.62 1.54
CA PHE B 33 -9.46 -16.97 1.25
C PHE B 33 -10.38 -17.87 0.41
N VAL B 34 -9.87 -18.43 -0.69
CA VAL B 34 -10.73 -19.23 -1.56
C VAL B 34 -11.19 -20.50 -0.85
N ALA B 35 -10.29 -21.16 -0.11
CA ALA B 35 -10.66 -22.39 0.57
C ALA B 35 -11.73 -22.13 1.64
N SER B 36 -11.61 -21.01 2.34
CA SER B 36 -12.52 -20.67 3.42
C SER B 36 -13.90 -20.21 2.91
N ARG B 37 -13.93 -19.39 1.87
CA ARG B 37 -15.17 -18.74 1.42
C ARG B 37 -15.80 -19.41 0.21
N PHE B 38 -15.04 -20.18 -0.57
CA PHE B 38 -15.58 -20.93 -1.69
C PHE B 38 -15.32 -22.43 -1.59
N GLY B 39 -14.19 -22.83 -1.03
CA GLY B 39 -13.77 -24.20 -1.16
C GLY B 39 -13.41 -24.45 -2.62
N LYS B 40 -13.52 -25.72 -3.00
CA LYS B 40 -13.07 -26.18 -4.32
C LYS B 40 -14.11 -25.91 -5.39
N VAL B 41 -13.65 -25.44 -6.54
CA VAL B 41 -14.53 -25.14 -7.67
C VAL B 41 -14.13 -26.01 -8.85
N PRO B 42 -15.09 -26.41 -9.70
CA PRO B 42 -14.75 -27.23 -10.86
C PRO B 42 -13.85 -26.55 -11.88
N ARG B 43 -14.25 -25.40 -12.41
CA ARG B 43 -13.47 -24.72 -13.45
C ARG B 43 -13.12 -23.33 -12.96
N LEU B 44 -11.82 -23.04 -12.95
CA LEU B 44 -11.29 -21.78 -12.44
C LEU B 44 -10.40 -21.16 -13.50
N LEU B 45 -10.45 -19.83 -13.60
CA LEU B 45 -9.71 -19.06 -14.57
C LEU B 45 -8.88 -18.01 -13.85
N GLU B 46 -7.64 -17.83 -14.28
CA GLU B 46 -6.80 -16.72 -13.84
C GLU B 46 -6.57 -15.79 -15.02
N TRP B 47 -7.23 -14.65 -15.00
CA TRP B 47 -7.05 -13.66 -16.04
C TRP B 47 -5.81 -12.82 -15.72
N CYS B 48 -5.16 -12.29 -16.78
CA CYS B 48 -3.88 -11.58 -16.63
C CYS B 48 -2.83 -12.46 -15.94
N CYS B 49 -2.83 -13.75 -16.30
CA CYS B 49 -2.16 -14.76 -15.50
C CYS B 49 -0.67 -14.46 -15.32
N GLY B 50 0.00 -13.97 -16.37
CA GLY B 50 1.45 -13.88 -16.36
C GLY B 50 2.02 -15.27 -16.17
N PRO B 51 3.07 -15.41 -15.35
CA PRO B 51 3.54 -16.76 -15.00
C PRO B 51 2.53 -17.56 -14.21
N ALA B 52 1.42 -16.93 -13.80
CA ALA B 52 0.28 -17.62 -13.18
C ALA B 52 0.66 -18.21 -11.84
N PHE B 53 1.39 -17.42 -11.04
CA PHE B 53 1.66 -17.76 -9.64
C PHE B 53 0.38 -18.09 -8.89
N ILE B 54 -0.67 -17.30 -9.13
CA ILE B 54 -1.91 -17.42 -8.38
C ILE B 54 -2.67 -18.65 -8.80
N GLY B 55 -2.86 -18.84 -10.11
CA GLY B 55 -3.59 -20.00 -10.58
C GLY B 55 -2.94 -21.32 -10.19
N PHE B 56 -1.62 -21.44 -10.39
CA PHE B 56 -0.91 -22.68 -10.03
C PHE B 56 -0.96 -22.93 -8.53
N SER B 57 -0.94 -21.86 -7.70
CA SER B 57 -1.18 -21.98 -6.27
C SER B 57 -2.48 -22.70 -5.98
N LEU B 58 -3.56 -22.17 -6.56
CA LEU B 58 -4.91 -22.66 -6.31
C LEU B 58 -5.06 -24.12 -6.71
N LEU B 59 -4.54 -24.50 -7.88
CA LEU B 59 -4.57 -25.89 -8.30
C LEU B 59 -3.72 -26.74 -7.36
N GLY B 60 -2.54 -26.23 -6.99
CA GLY B 60 -1.67 -26.94 -6.08
C GLY B 60 -2.30 -27.22 -4.72
N ALA B 61 -3.20 -26.36 -4.28
CA ALA B 61 -3.97 -26.56 -3.06
C ALA B 61 -5.30 -27.30 -3.29
N ASP B 62 -5.50 -27.86 -4.47
CA ASP B 62 -6.71 -28.61 -4.80
C ASP B 62 -7.99 -27.78 -4.64
N LEU B 63 -7.90 -26.49 -4.88
CA LEU B 63 -9.07 -25.63 -4.81
C LEU B 63 -9.76 -25.50 -6.15
N CYS B 64 -9.34 -26.25 -7.17
CA CYS B 64 -10.04 -26.33 -8.44
C CYS B 64 -9.73 -27.64 -9.17
N GLU B 65 -10.73 -28.19 -9.85
CA GLU B 65 -10.51 -29.40 -10.63
C GLU B 65 -9.76 -29.12 -11.93
N ARG B 66 -10.12 -28.04 -12.63
CA ARG B 66 -9.47 -27.64 -13.87
C ARG B 66 -9.05 -26.19 -13.74
N LEU B 67 -7.83 -25.89 -14.16
CA LEU B 67 -7.29 -24.54 -14.12
C LEU B 67 -7.15 -24.02 -15.54
N GLU B 68 -7.64 -22.82 -15.80
CA GLU B 68 -7.42 -22.24 -17.11
C GLU B 68 -6.82 -20.85 -16.96
N LEU B 69 -5.93 -20.51 -17.89
CA LEU B 69 -5.02 -19.38 -17.79
C LEU B 69 -5.12 -18.56 -19.06
N CYS B 70 -5.23 -17.23 -18.93
CA CYS B 70 -5.18 -16.38 -20.11
C CYS B 70 -4.40 -15.10 -19.83
N ASP B 71 -3.63 -14.69 -20.85
CA ASP B 71 -2.86 -13.45 -20.83
C ASP B 71 -2.71 -12.93 -22.26
N VAL B 72 -2.45 -11.63 -22.35
CA VAL B 72 -2.30 -10.93 -23.63
C VAL B 72 -0.89 -11.02 -24.18
N ASN B 73 0.09 -11.33 -23.34
CA ASN B 73 1.48 -11.40 -23.73
C ASN B 73 1.84 -12.86 -23.98
N GLU B 74 2.26 -13.18 -25.22
CA GLU B 74 2.60 -14.55 -25.59
C GLU B 74 3.76 -15.09 -24.78
N GLU B 75 4.66 -14.22 -24.32
CA GLU B 75 5.76 -14.65 -23.46
C GLU B 75 5.25 -15.07 -22.08
N ALA B 76 4.33 -14.30 -21.52
CA ALA B 76 3.58 -14.82 -20.37
C ALA B 76 2.99 -16.18 -20.69
N VAL B 77 2.36 -16.30 -21.87
CA VAL B 77 1.64 -17.51 -22.23
C VAL B 77 2.57 -18.70 -22.35
N ASN B 78 3.73 -18.52 -22.99
CA ASN B 78 4.64 -19.64 -23.18
C ASN B 78 5.32 -20.03 -21.87
N VAL B 79 5.69 -19.04 -21.05
CA VAL B 79 6.23 -19.34 -19.74
C VAL B 79 5.24 -20.21 -18.97
N ALA B 80 3.96 -19.82 -19.00
CA ALA B 80 2.93 -20.58 -18.30
C ALA B 80 2.80 -22.00 -18.83
N ARG B 81 2.97 -22.19 -20.14
CA ARG B 81 2.88 -23.54 -20.69
C ARG B 81 4.13 -24.35 -20.36
N ALA B 82 5.30 -23.70 -20.37
CA ALA B 82 6.52 -24.32 -19.86
C ALA B 82 6.32 -24.88 -18.46
N THR B 83 5.63 -24.13 -17.60
CA THR B 83 5.34 -24.63 -16.25
C THR B 83 4.37 -25.81 -16.28
N VAL B 84 3.28 -25.72 -17.04
CA VAL B 84 2.35 -26.85 -17.15
C VAL B 84 3.12 -28.12 -17.45
N ALA B 85 3.94 -28.08 -18.51
CA ALA B 85 4.62 -29.27 -19.00
C ALA B 85 5.65 -29.78 -18.00
N ALA B 86 6.40 -28.88 -17.36
CA ALA B 86 7.44 -29.25 -16.40
C ALA B 86 6.90 -29.88 -15.12
N ASN B 87 5.62 -29.68 -14.80
CA ASN B 87 5.02 -30.29 -13.62
C ASN B 87 4.00 -31.36 -13.98
N GLY B 88 3.85 -31.68 -15.26
CA GLY B 88 2.97 -32.76 -15.70
C GLY B 88 1.49 -32.49 -15.51
N LEU B 89 1.06 -31.26 -15.74
CA LEU B 89 -0.30 -30.82 -15.46
C LEU B 89 -1.12 -30.66 -16.72
N GLY B 90 -0.64 -31.16 -17.86
CA GLY B 90 -1.26 -30.85 -19.13
C GLY B 90 -2.72 -31.26 -19.22
N ASP B 91 -3.08 -32.40 -18.62
CA ASP B 91 -4.47 -32.85 -18.59
C ASP B 91 -5.37 -31.94 -17.77
N ARG B 92 -4.79 -31.04 -16.96
CA ARG B 92 -5.60 -30.22 -16.03
C ARG B 92 -5.53 -28.70 -16.33
N VAL B 93 -4.64 -28.25 -17.21
CA VAL B 93 -4.43 -26.82 -17.42
C VAL B 93 -4.53 -26.53 -18.90
N SER B 94 -5.15 -25.41 -19.22
CA SER B 94 -5.12 -24.86 -20.56
C SER B 94 -4.70 -23.40 -20.44
N VAL B 95 -3.87 -22.96 -21.40
CA VAL B 95 -3.39 -21.57 -21.47
C VAL B 95 -3.93 -20.97 -22.76
N PHE B 96 -4.33 -19.69 -22.71
CA PHE B 96 -4.90 -19.00 -23.88
C PHE B 96 -4.21 -17.66 -24.11
N HIS B 97 -3.94 -17.36 -25.37
CA HIS B 97 -3.39 -16.07 -25.76
C HIS B 97 -4.56 -15.17 -26.16
N SER B 98 -4.85 -14.16 -25.35
CA SER B 98 -6.03 -13.35 -25.59
C SER B 98 -5.93 -12.06 -24.82
N ASP B 99 -6.43 -10.99 -25.45
CA ASP B 99 -6.77 -9.76 -24.75
C ASP B 99 -8.14 -9.99 -24.14
N CYS B 100 -8.19 -10.04 -22.81
CA CYS B 100 -9.37 -10.47 -22.06
C CYS B 100 -9.97 -11.72 -22.70
N PHE B 101 -11.23 -11.66 -23.13
CA PHE B 101 -11.89 -12.84 -23.66
C PHE B 101 -11.96 -12.86 -25.19
N ASP B 102 -11.29 -11.91 -25.86
CA ASP B 102 -11.45 -11.72 -27.30
C ASP B 102 -11.21 -12.99 -28.07
N THR B 103 -10.15 -13.72 -27.71
CA THR B 103 -9.73 -14.92 -28.41
C THR B 103 -9.50 -16.04 -27.41
N VAL B 104 -10.34 -16.06 -26.38
CA VAL B 104 -10.62 -17.26 -25.61
C VAL B 104 -11.88 -17.88 -26.21
N PRO B 105 -11.91 -19.20 -26.44
CA PRO B 105 -13.08 -19.82 -27.07
C PRO B 105 -14.40 -19.39 -26.43
N ALA B 106 -15.41 -19.16 -27.27
CA ALA B 106 -16.61 -18.43 -26.87
C ALA B 106 -17.51 -19.21 -25.93
N ASP B 107 -17.39 -20.53 -25.85
CA ASP B 107 -18.34 -21.28 -25.06
C ASP B 107 -17.83 -21.61 -23.66
N ARG B 108 -16.56 -21.32 -23.39
CA ARG B 108 -15.96 -21.65 -22.11
C ARG B 108 -16.43 -20.67 -21.04
N LYS B 109 -16.99 -21.20 -19.97
CA LYS B 109 -17.36 -20.42 -18.81
C LYS B 109 -16.63 -20.96 -17.60
N TRP B 110 -16.55 -20.14 -16.56
CA TRP B 110 -15.84 -20.54 -15.34
C TRP B 110 -16.68 -20.28 -14.11
N ASP B 111 -16.47 -21.13 -13.12
CA ASP B 111 -17.10 -20.98 -11.82
C ASP B 111 -16.44 -19.90 -10.99
N LEU B 112 -15.18 -19.60 -11.25
CA LEU B 112 -14.45 -18.61 -10.45
C LEU B 112 -13.33 -18.06 -11.31
N ILE B 113 -13.40 -16.76 -11.59
CA ILE B 113 -12.36 -16.04 -12.34
C ILE B 113 -11.61 -15.16 -11.35
N VAL B 114 -10.29 -15.33 -11.30
CA VAL B 114 -9.41 -14.57 -10.42
C VAL B 114 -8.44 -13.76 -11.29
N GLY B 115 -7.76 -12.82 -10.66
CA GLY B 115 -6.74 -12.09 -11.41
C GLY B 115 -6.06 -10.97 -10.65
N ASN B 116 -4.75 -10.85 -10.89
CA ASN B 116 -3.93 -9.73 -10.44
C ASN B 116 -3.65 -8.83 -11.64
N PRO B 117 -4.59 -7.96 -12.00
CA PRO B 117 -4.46 -7.19 -13.24
C PRO B 117 -3.48 -6.05 -13.08
N PRO B 118 -3.10 -5.41 -14.19
CA PRO B 118 -2.44 -4.09 -14.10
C PRO B 118 -3.20 -3.20 -13.14
N HIS B 119 -2.49 -2.61 -12.19
CA HIS B 119 -3.15 -1.99 -11.05
C HIS B 119 -3.38 -0.49 -11.19
N MET B 120 -2.71 0.17 -12.12
CA MET B 120 -2.60 1.63 -12.11
C MET B 120 -3.16 2.24 -13.38
N ASN B 121 -4.15 3.13 -13.23
CA ASN B 121 -4.54 4.01 -14.33
C ASN B 121 -3.53 5.14 -14.41
N VAL B 122 -2.65 5.09 -15.41
CA VAL B 122 -1.54 6.04 -15.49
C VAL B 122 -1.98 7.38 -16.02
N THR B 123 -3.25 7.56 -16.37
CA THR B 123 -3.73 8.86 -16.78
C THR B 123 -3.94 9.78 -15.59
N THR B 124 -4.51 9.24 -14.53
CA THR B 124 -4.87 10.00 -13.36
C THR B 124 -3.98 9.73 -12.15
N ALA B 125 -3.07 8.75 -12.22
CA ALA B 125 -2.27 8.42 -11.06
C ALA B 125 -1.27 9.54 -10.78
N PRO B 126 -0.80 9.65 -9.55
CA PRO B 126 0.25 10.63 -9.25
C PRO B 126 1.47 10.40 -10.13
N ALA B 127 1.98 11.49 -10.70
CA ALA B 127 3.09 11.43 -11.64
C ALA B 127 4.26 10.62 -11.11
N GLU B 128 4.65 10.88 -9.86
CA GLU B 128 5.80 10.23 -9.24
C GLU B 128 5.53 8.75 -9.01
N HIS B 129 4.29 8.39 -8.71
CA HIS B 129 3.92 6.98 -8.60
C HIS B 129 4.07 6.27 -9.95
N VAL B 130 3.58 6.89 -11.02
CA VAL B 130 3.74 6.33 -12.36
C VAL B 130 5.22 6.15 -12.70
N GLU B 131 6.02 7.19 -12.42
CA GLU B 131 7.42 7.22 -12.82
C GLU B 131 8.20 6.05 -12.25
N VAL B 132 7.94 5.67 -10.99
CA VAL B 132 8.77 4.62 -10.43
C VAL B 132 8.47 3.30 -11.14
N PHE B 133 7.27 3.12 -11.67
CA PHE B 133 7.04 1.93 -12.50
C PHE B 133 7.61 2.08 -13.90
N ARG B 134 7.60 3.30 -14.45
CA ARG B 134 8.10 3.53 -15.79
C ARG B 134 9.60 3.26 -15.92
N ARG B 135 10.32 3.15 -14.81
CA ARG B 135 11.74 2.84 -14.85
C ARG B 135 12.10 1.48 -14.26
N ILE B 136 11.13 0.70 -13.78
CA ILE B 136 11.44 -0.62 -13.26
C ILE B 136 10.66 -1.75 -13.95
N LYS B 137 9.50 -1.49 -14.55
CA LYS B 137 8.65 -2.55 -15.05
C LYS B 137 8.16 -2.26 -16.47
N PRO B 138 7.94 -3.30 -17.28
CA PRO B 138 7.28 -3.09 -18.57
C PRO B 138 5.89 -2.50 -18.39
N GLU B 139 5.40 -1.79 -19.40
CA GLU B 139 4.10 -1.16 -19.26
C GLU B 139 2.98 -2.18 -19.09
N LEU B 140 3.13 -3.36 -19.70
CA LEU B 140 2.09 -4.38 -19.64
C LEU B 140 1.79 -4.85 -18.20
N VAL B 141 2.80 -4.81 -17.32
CA VAL B 141 2.63 -5.36 -15.98
C VAL B 141 1.79 -4.46 -15.07
N TYR B 142 1.86 -3.14 -15.23
CA TYR B 142 1.25 -2.28 -14.22
C TYR B 142 0.18 -1.34 -14.74
N ALA B 143 0.11 -1.06 -16.03
CA ALA B 143 -0.62 0.10 -16.53
C ALA B 143 -1.95 -0.30 -17.14
N ASP B 144 -3.04 0.30 -16.65
CA ASP B 144 -4.34 0.28 -17.30
C ASP B 144 -4.79 1.73 -17.49
N LYS B 145 -4.24 2.38 -18.52
CA LYS B 145 -4.73 3.70 -18.91
C LYS B 145 -6.26 3.73 -18.98
N ASP B 146 -6.85 4.71 -18.28
CA ASP B 146 -8.31 4.94 -18.26
C ASP B 146 -9.12 3.73 -17.82
N TRP B 147 -8.48 2.76 -17.15
CA TRP B 147 -9.15 1.56 -16.64
C TRP B 147 -9.84 0.77 -17.75
N GLU B 148 -9.30 0.84 -18.98
CA GLU B 148 -10.00 0.26 -20.13
C GLU B 148 -9.82 -1.26 -20.22
N ILE B 149 -8.68 -1.80 -19.76
CA ILE B 149 -8.57 -3.25 -19.60
C ILE B 149 -9.59 -3.75 -18.59
N HIS B 150 -9.70 -3.06 -17.45
CA HIS B 150 -10.71 -3.44 -16.49
C HIS B 150 -12.10 -3.34 -17.09
N ARG B 151 -12.33 -2.28 -17.88
CA ARG B 151 -13.66 -2.04 -18.42
C ARG B 151 -14.05 -3.14 -19.39
N ARG B 152 -13.22 -3.40 -20.41
CA ARG B 152 -13.49 -4.48 -21.34
C ARG B 152 -13.71 -5.78 -20.59
N PHE B 153 -12.83 -6.07 -19.61
CA PHE B 153 -12.96 -7.30 -18.84
C PHE B 153 -14.32 -7.37 -18.13
N TYR B 154 -14.80 -6.25 -17.60
CA TYR B 154 -16.06 -6.32 -16.88
C TYR B 154 -17.25 -6.44 -17.83
N ASP B 155 -17.17 -5.83 -19.00
CA ASP B 155 -18.28 -5.98 -19.93
C ASP B 155 -18.28 -7.34 -20.64
N GLN B 156 -17.20 -8.10 -20.53
CA GLN B 156 -17.14 -9.42 -21.16
C GLN B 156 -17.43 -10.55 -20.19
N VAL B 157 -17.18 -10.36 -18.90
CA VAL B 157 -17.10 -11.52 -17.99
C VAL B 157 -18.47 -12.07 -17.66
N GLY B 158 -19.51 -11.22 -17.67
CA GLY B 158 -20.87 -11.70 -17.47
C GLY B 158 -21.20 -13.00 -18.20
N ASP B 159 -21.05 -13.01 -19.54
CA ASP B 159 -21.33 -14.22 -20.32
C ASP B 159 -20.28 -15.30 -20.16
N ARG B 160 -19.28 -15.13 -19.29
CA ARG B 160 -18.21 -16.10 -19.09
C ARG B 160 -18.34 -16.85 -17.78
N LEU B 161 -19.41 -16.62 -17.02
CA LEU B 161 -19.62 -17.27 -15.74
C LEU B 161 -20.69 -18.34 -15.85
N THR B 162 -20.42 -19.49 -15.26
CA THR B 162 -21.39 -20.55 -15.14
C THR B 162 -22.47 -20.09 -14.14
N PRO B 163 -23.61 -20.79 -14.06
CA PRO B 163 -24.57 -20.46 -12.99
C PRO B 163 -23.88 -20.46 -11.64
N GLY B 164 -23.94 -19.33 -10.94
CA GLY B 164 -23.25 -19.23 -9.68
C GLY B 164 -21.77 -18.91 -9.77
N GLY B 165 -21.24 -18.62 -10.96
CA GLY B 165 -19.87 -18.20 -11.07
C GLY B 165 -19.65 -16.83 -10.48
N SER B 166 -18.40 -16.58 -10.07
CA SER B 166 -18.02 -15.31 -9.46
C SER B 166 -16.65 -14.86 -9.94
N VAL B 167 -16.39 -13.58 -9.74
CA VAL B 167 -15.13 -12.92 -10.03
C VAL B 167 -14.48 -12.56 -8.70
N LEU B 168 -13.14 -12.60 -8.67
CA LEU B 168 -12.43 -12.23 -7.44
C LEU B 168 -11.06 -11.66 -7.84
N LEU B 169 -11.04 -10.37 -8.18
CA LEU B 169 -9.79 -9.73 -8.51
C LEU B 169 -9.04 -9.32 -7.24
N GLN B 170 -7.73 -9.20 -7.35
CA GLN B 170 -6.90 -8.62 -6.32
C GLN B 170 -6.40 -7.26 -6.83
N GLU B 171 -6.72 -6.19 -6.09
CA GLU B 171 -6.34 -4.84 -6.47
C GLU B 171 -5.48 -4.19 -5.38
N CYS B 172 -4.86 -3.08 -5.76
CA CYS B 172 -3.84 -2.41 -4.96
C CYS B 172 -4.42 -1.13 -4.36
N TRP B 173 -4.40 -1.04 -3.02
CA TRP B 173 -4.95 0.13 -2.33
C TRP B 173 -4.24 1.42 -2.71
N ALA B 174 -2.96 1.34 -3.11
CA ALA B 174 -2.20 2.53 -3.45
C ALA B 174 -2.65 3.17 -4.75
N ALA B 175 -3.36 2.43 -5.59
CA ALA B 175 -3.72 2.91 -6.91
C ALA B 175 -5.22 2.87 -7.21
N SER B 176 -6.04 2.36 -6.31
CA SER B 176 -7.47 2.25 -6.59
C SER B 176 -8.21 1.95 -5.28
N ASP B 177 -9.52 1.90 -5.40
CA ASP B 177 -10.40 1.42 -4.34
C ASP B 177 -11.65 0.92 -5.03
N PRO B 178 -12.49 0.15 -4.31
CA PRO B 178 -13.75 -0.31 -4.93
C PRO B 178 -14.51 0.77 -5.68
N GLU B 179 -14.56 1.99 -5.14
CA GLU B 179 -15.32 3.09 -5.76
C GLU B 179 -14.99 3.25 -7.24
N VAL B 180 -13.68 3.30 -7.56
CA VAL B 180 -13.15 3.51 -8.91
C VAL B 180 -13.94 2.66 -9.90
N PHE B 181 -14.16 1.40 -9.53
CA PHE B 181 -14.74 0.37 -10.37
C PHE B 181 -16.27 0.32 -10.36
N ARG B 182 -16.92 1.00 -9.41
CA ARG B 182 -18.37 0.84 -9.28
C ARG B 182 -19.15 1.24 -10.54
N PRO B 183 -18.90 2.37 -11.22
CA PRO B 183 -19.76 2.69 -12.36
C PRO B 183 -19.65 1.67 -13.48
N MET B 184 -18.44 1.18 -13.76
CA MET B 184 -18.23 0.24 -14.86
C MET B 184 -18.73 -1.15 -14.54
N ILE B 185 -18.65 -1.55 -13.25
CA ILE B 185 -19.19 -2.83 -12.83
C ILE B 185 -20.71 -2.83 -12.94
N THR B 186 -21.33 -1.75 -12.46
CA THR B 186 -22.79 -1.62 -12.55
C THR B 186 -23.23 -1.50 -14.00
N ALA B 187 -22.44 -0.83 -14.84
CA ALA B 187 -22.77 -0.72 -16.25
C ALA B 187 -22.84 -2.10 -16.92
N ALA B 188 -21.95 -3.00 -16.55
CA ALA B 188 -21.91 -4.32 -17.15
C ALA B 188 -22.97 -5.25 -16.57
N GLY B 189 -23.92 -4.72 -15.81
CA GLY B 189 -24.93 -5.56 -15.20
C GLY B 189 -24.37 -6.50 -14.15
N LEU B 190 -23.31 -6.10 -13.48
CA LEU B 190 -22.73 -6.85 -12.37
C LEU B 190 -22.89 -6.00 -11.11
N GLU B 191 -22.48 -6.56 -9.97
CA GLU B 191 -22.53 -5.84 -8.71
C GLU B 191 -21.36 -6.26 -7.86
N ILE B 192 -20.92 -5.38 -6.97
CA ILE B 192 -19.89 -5.75 -6.01
C ILE B 192 -20.56 -6.53 -4.88
N ALA B 193 -20.30 -7.84 -4.83
CA ALA B 193 -20.85 -8.65 -3.74
C ALA B 193 -20.09 -8.45 -2.43
N GLY B 194 -18.78 -8.24 -2.49
CA GLY B 194 -18.00 -8.04 -1.27
C GLY B 194 -16.66 -7.42 -1.57
N THR B 195 -16.20 -6.60 -0.61
CA THR B 195 -14.85 -6.04 -0.54
C THR B 195 -14.14 -6.69 0.64
N PHE B 196 -12.94 -7.19 0.42
CA PHE B 196 -12.21 -7.91 1.47
C PHE B 196 -10.77 -7.42 1.49
N PRO B 197 -10.43 -6.55 2.42
CA PRO B 197 -9.02 -6.15 2.59
C PRO B 197 -8.17 -7.38 2.87
N CYS B 198 -6.98 -7.40 2.28
CA CYS B 198 -6.10 -8.54 2.45
C CYS B 198 -5.42 -8.41 3.81
N GLU B 199 -5.34 -9.51 4.55
CA GLU B 199 -4.69 -9.47 5.86
C GLU B 199 -3.19 -9.18 5.68
N PRO B 200 -2.56 -8.54 6.66
CA PRO B 200 -1.11 -8.42 6.63
C PRO B 200 -0.48 -9.80 6.54
N PRO B 201 0.69 -9.92 5.88
CA PRO B 201 1.57 -8.88 5.30
C PRO B 201 1.16 -8.37 3.91
N HIS B 202 -0.02 -8.73 3.39
CA HIS B 202 -0.39 -8.39 2.03
C HIS B 202 -1.38 -7.24 1.95
N ASP B 203 -1.51 -6.46 3.03
CA ASP B 203 -2.63 -5.54 3.21
C ASP B 203 -2.56 -4.31 2.32
N LEU B 204 -1.48 -4.14 1.55
CA LEU B 204 -1.51 -3.21 0.44
C LEU B 204 -2.60 -3.58 -0.57
N PHE B 205 -3.14 -4.79 -0.51
CA PHE B 205 -4.07 -5.29 -1.50
C PHE B 205 -5.44 -5.58 -0.89
N TYR B 206 -6.43 -5.75 -1.78
CA TYR B 206 -7.77 -6.09 -1.36
C TYR B 206 -8.40 -6.94 -2.47
N PHE B 207 -9.19 -7.94 -2.06
CA PHE B 207 -9.97 -8.73 -3.00
C PHE B 207 -11.29 -8.03 -3.32
N LEU B 208 -11.75 -8.16 -4.56
CA LEU B 208 -13.02 -7.61 -5.01
C LEU B 208 -13.92 -8.76 -5.43
N TRP B 209 -15.06 -8.93 -4.73
CA TRP B 209 -15.97 -10.03 -5.01
C TRP B 209 -17.13 -9.52 -5.88
N VAL B 210 -17.12 -9.90 -7.16
CA VAL B 210 -18.04 -9.36 -8.16
C VAL B 210 -18.87 -10.50 -8.74
N ARG B 211 -20.17 -10.26 -8.91
CA ARG B 211 -21.10 -11.25 -9.44
C ARG B 211 -22.15 -10.56 -10.30
N PRO B 212 -22.88 -11.31 -11.13
CA PRO B 212 -24.00 -10.71 -11.86
C PRO B 212 -25.01 -10.12 -10.90
N ALA B 213 -25.68 -9.07 -11.36
CA ALA B 213 -26.57 -8.29 -10.52
C ALA B 213 -27.96 -8.92 -10.50
N ALA B 214 -28.66 -8.72 -9.38
CA ALA B 214 -30.05 -9.16 -9.26
C ALA B 214 -30.93 -8.48 -10.29
N SAH C . 4.03 8.43 15.06
CA SAH C . 3.38 7.21 15.59
CB SAH C . 1.87 7.38 15.57
CG SAH C . 1.29 7.90 14.26
SD SAH C . -0.53 7.95 14.34
C SAH C . 3.78 5.96 14.80
O SAH C . 4.50 6.05 13.78
OXT SAH C . 3.39 4.85 15.16
C5' SAH C . -0.59 9.75 14.26
C4' SAH C . -0.26 10.38 15.61
O4' SAH C . -0.57 11.76 15.59
C3' SAH C . -1.04 9.82 16.80
O3' SAH C . -0.13 9.52 17.82
C2' SAH C . -1.92 10.96 17.28
O2' SAH C . -2.03 10.91 18.68
C1' SAH C . -1.12 12.17 16.81
N9 SAH C . -1.94 13.39 16.59
C8 SAH C . -3.23 13.46 16.14
N7 SAH C . -3.58 14.77 16.07
C5 SAH C . -2.54 15.53 16.48
C6 SAH C . -2.37 16.91 16.61
N6 SAH C . -3.37 17.74 16.31
N1 SAH C . -1.16 17.41 17.07
C2 SAH C . -0.13 16.52 17.40
N3 SAH C . -0.31 15.15 17.27
C4 SAH C . -1.50 14.66 16.82
N SAH D . -0.68 -12.53 -12.94
CA SAH D . 0.73 -12.18 -12.77
CB SAH D . 1.11 -10.91 -13.50
CG SAH D . 0.36 -9.66 -13.06
SD SAH D . 1.07 -8.22 -13.88
C SAH D . 1.06 -12.01 -11.31
O SAH D . 0.23 -12.32 -10.44
OXT SAH D . 2.17 -11.55 -11.01
C5' SAH D . -0.42 -8.03 -14.93
C4' SAH D . -0.51 -8.99 -16.13
O4' SAH D . -1.65 -8.68 -16.92
C3' SAH D . 0.66 -8.94 -17.12
O3' SAH D . 1.08 -10.27 -17.36
C2' SAH D . 0.06 -8.37 -18.40
O2' SAH D . 0.71 -8.82 -19.58
C1' SAH D . -1.37 -8.86 -18.30
N9 SAH D . -2.33 -8.13 -19.15
C8 SAH D . -2.34 -6.78 -19.42
N7 SAH D . -3.38 -6.52 -20.25
C5 SAH D . -4.05 -7.67 -20.51
C6 SAH D . -5.17 -7.95 -21.29
N6 SAH D . -5.81 -6.97 -21.96
N1 SAH D . -5.63 -9.27 -21.37
C2 SAH D . -4.97 -10.27 -20.68
N3 SAH D . -3.85 -9.97 -19.92
C4 SAH D . -3.39 -8.69 -19.83
#